data_1QUR
#
_entry.id   1QUR
#
_cell.length_a   71.320
_cell.length_b   72.410
_cell.length_c   72.330
_cell.angle_alpha   90.00
_cell.angle_beta   100.27
_cell.angle_gamma   90.00
#
_symmetry.space_group_name_H-M   'C 1 2 1'
#
loop_
_entity.id
_entity.type
_entity.pdbx_description
1 polymer 'HUMAN THROMBIN (ALPHA CHAIN)'
2 polymer 'HUMAN THROMBIN (BETA CHAIN)'
3 polymer 'BIVALENT INHIBITOR (BZA-2 HIRULOG)'
4 water water
#
loop_
_entity_poly.entity_id
_entity_poly.type
_entity_poly.pdbx_seq_one_letter_code
_entity_poly.pdbx_strand_id
1 'polypeptide(L)' ADCGLRPLFEKKSLEDKTERELLESYI L
2 'polypeptide(L)'
;IVEGSDAEIGMSPWQVMLFRKSPQELLCGASLISDRWVLTAAHCLLYPPWDKNFTENDLLVRIGKHSRTRYERNIEKISM
LEKIYIHPRYNWRENLDRDIALMKLKKPVAFSDYIHPVCLPDRETAASLLQAGYKGRVTGWGNLKETWTANVGKGQPSVL
QVVNLPIVERPVCKDSTRIRITDNMFCAGYKPDEGKRGDACEGDSGGPFVMKSPFNNRWYQMGIVSWGEGCDRDGKYGFY
THVFRLKKWIQKVIDQF
;
H
3 'polypeptide(L)' (00I)(ABU)GGGGNGDYEPIPEEA(ALC)(DGL) I
#
loop_
_chem_comp.id
_chem_comp.type
_chem_comp.name
_chem_comp.formula
00I peptide-like N-[(1R)-1-(4-carbamimidoylbenzyl)-2-oxo-2-piperidin-1-ylethyl]-N~2~-(naphthalen-2-ylsulfonyl)-L-alpha-glutamine 'C30 H35 N5 O6 S'
ABU non-polymer 'GAMMA-AMINO-BUTANOIC ACID' 'C4 H9 N O2'
#
# COMPACT_ATOMS: atom_id res chain seq x y z
N ALA A 1 19.35 -2.62 -1.80
CA ALA A 1 20.72 -2.26 -2.29
C ALA A 1 20.66 -0.84 -2.86
N ASP A 2 19.84 -0.70 -3.90
CA ASP A 2 19.62 0.58 -4.53
C ASP A 2 18.18 0.98 -4.12
N CYS A 3 17.62 0.23 -3.18
CA CYS A 3 16.25 0.48 -2.74
C CYS A 3 15.95 1.88 -2.24
N GLY A 4 14.69 2.29 -2.41
CA GLY A 4 14.21 3.56 -1.91
C GLY A 4 14.68 4.84 -2.55
N LEU A 5 15.51 4.74 -3.59
CA LEU A 5 15.98 5.94 -4.29
C LEU A 5 15.25 5.97 -5.61
N ARG A 6 14.35 6.93 -5.78
CA ARG A 6 13.57 7.00 -7.01
C ARG A 6 14.32 7.55 -8.21
N PRO A 7 14.23 6.85 -9.36
CA PRO A 7 14.87 7.25 -10.62
C PRO A 7 14.58 8.69 -11.02
N LEU A 8 13.34 9.11 -10.86
CA LEU A 8 12.93 10.46 -11.25
C LEU A 8 13.03 11.49 -10.15
N PHE A 9 13.48 11.09 -8.97
CA PHE A 9 13.56 12.06 -7.89
C PHE A 9 14.94 12.01 -7.22
N GLU A 10 15.12 11.20 -6.17
CA GLU A 10 16.40 11.13 -5.47
C GLU A 10 17.59 10.97 -6.41
N LYS A 11 17.46 10.10 -7.39
CA LYS A 11 18.54 9.88 -8.35
C LYS A 11 18.93 11.14 -9.12
N LYS A 12 17.97 12.03 -9.36
CA LYS A 12 18.18 13.27 -10.10
C LYS A 12 18.27 14.47 -9.18
N SER A 13 18.19 14.23 -7.88
CA SER A 13 18.20 15.29 -6.89
C SER A 13 17.05 16.27 -7.06
N LEU A 14 15.86 15.73 -7.34
CA LEU A 14 14.65 16.51 -7.51
C LEU A 14 13.70 16.08 -6.40
N GLU A 15 12.89 17.00 -5.92
CA GLU A 15 11.95 16.67 -4.84
C GLU A 15 10.54 16.65 -5.39
N ASP A 16 9.67 15.80 -4.81
CA ASP A 16 8.28 15.78 -5.24
C ASP A 16 7.59 16.89 -4.46
N LYS A 17 6.39 17.23 -4.89
CA LYS A 17 5.58 18.31 -4.32
C LYS A 17 5.35 18.36 -2.83
N THR A 18 5.30 17.20 -2.17
CA THR A 18 5.01 17.21 -0.75
C THR A 18 5.96 16.49 0.18
N GLU A 19 7.10 15.99 -0.30
CA GLU A 19 7.98 15.27 0.61
C GLU A 19 8.51 16.12 1.76
N ARG A 20 8.61 17.43 1.56
CA ARG A 20 9.10 18.32 2.59
C ARG A 20 8.19 18.28 3.82
N GLU A 21 6.90 18.08 3.58
CA GLU A 21 5.91 17.98 4.65
C GLU A 21 6.32 16.83 5.57
N LEU A 22 6.88 15.76 5.02
CA LEU A 22 7.29 14.63 5.84
C LEU A 22 8.53 14.99 6.66
N LEU A 23 9.55 15.50 5.97
CA LEU A 23 10.79 15.85 6.64
C LEU A 23 10.58 16.90 7.75
N GLU A 24 9.72 17.88 7.50
CA GLU A 24 9.47 18.91 8.50
C GLU A 24 8.82 18.33 9.77
N SER A 25 8.20 17.17 9.65
CA SER A 25 7.56 16.55 10.82
C SER A 25 8.52 15.66 11.60
N TYR A 26 9.67 15.33 11.02
CA TYR A 26 10.61 14.46 11.73
C TYR A 26 11.41 15.21 12.78
N ILE A 27 10.68 15.62 13.82
CA ILE A 27 11.18 16.35 14.98
C ILE A 27 10.18 17.48 15.25
N ILE B 1 -8.16 6.48 -1.64
CA ILE B 1 -7.61 7.56 -0.78
C ILE B 1 -8.59 8.74 -0.70
N VAL B 2 -8.91 9.15 0.52
CA VAL B 2 -9.84 10.27 0.69
C VAL B 2 -9.07 11.53 1.07
N GLU B 3 -9.41 12.64 0.41
CA GLU B 3 -8.77 13.92 0.67
C GLU B 3 -7.30 13.89 0.28
N GLY B 4 -6.97 13.19 -0.80
CA GLY B 4 -5.59 13.15 -1.24
C GLY B 4 -5.40 13.98 -2.49
N SER B 5 -4.31 13.73 -3.21
CA SER B 5 -4.07 14.47 -4.44
C SER B 5 -3.48 13.56 -5.50
N ASP B 6 -3.51 14.03 -6.74
CA ASP B 6 -2.94 13.28 -7.84
C ASP B 6 -1.48 13.07 -7.55
N ALA B 7 -0.97 11.87 -7.83
CA ALA B 7 0.43 11.58 -7.61
C ALA B 7 1.20 12.09 -8.80
N GLU B 8 2.48 12.38 -8.61
CA GLU B 8 3.33 12.82 -9.72
C GLU B 8 3.85 11.56 -10.42
N ILE B 9 4.22 11.68 -11.68
CA ILE B 9 4.74 10.52 -12.41
C ILE B 9 6.04 10.00 -11.76
N GLY B 10 6.06 8.72 -11.43
CA GLY B 10 7.23 8.08 -10.83
C GLY B 10 7.44 8.39 -9.36
N MET B 11 6.45 9.01 -8.73
CA MET B 11 6.52 9.38 -7.32
C MET B 11 6.50 8.16 -6.40
N SER B 12 5.92 7.07 -6.87
CA SER B 12 5.82 5.86 -6.05
C SER B 12 6.02 4.64 -6.96
N PRO B 13 7.27 4.45 -7.44
CA PRO B 13 7.64 3.36 -8.34
C PRO B 13 7.58 1.95 -7.78
N TRP B 14 7.35 1.82 -6.47
CA TRP B 14 7.21 0.49 -5.84
C TRP B 14 5.72 0.09 -5.77
N GLN B 15 4.83 1.01 -6.16
CA GLN B 15 3.39 0.77 -6.10
C GLN B 15 3.00 -0.31 -7.08
N VAL B 16 2.28 -1.30 -6.57
CA VAL B 16 1.81 -2.43 -7.36
C VAL B 16 0.27 -2.50 -7.27
N MET B 17 -0.34 -2.91 -8.37
CA MET B 17 -1.79 -3.07 -8.41
C MET B 17 -2.05 -4.58 -8.48
N LEU B 18 -2.88 -5.09 -7.57
CA LEU B 18 -3.23 -6.52 -7.56
C LEU B 18 -4.51 -6.55 -8.40
N PHE B 19 -4.48 -7.26 -9.50
CA PHE B 19 -5.60 -7.31 -10.46
C PHE B 19 -6.19 -8.72 -10.69
N ARG B 20 -7.50 -8.84 -10.55
CA ARG B 20 -8.19 -10.13 -10.72
C ARG B 20 -8.31 -10.44 -12.22
N LYS B 21 -7.88 -11.63 -12.62
CA LYS B 21 -7.97 -12.03 -14.03
C LYS B 21 -9.37 -11.95 -14.63
N SER B 22 -10.36 -12.47 -13.91
CA SER B 22 -11.73 -12.45 -14.43
C SER B 22 -12.78 -12.71 -13.36
N PRO B 23 -13.74 -11.78 -13.18
CA PRO B 23 -13.88 -10.52 -13.92
C PRO B 23 -12.74 -9.54 -13.64
N GLN B 24 -12.27 -8.88 -14.70
CA GLN B 24 -11.19 -7.92 -14.58
C GLN B 24 -11.58 -6.85 -13.57
N GLU B 25 -10.91 -6.84 -12.42
CA GLU B 25 -11.21 -5.85 -11.39
C GLU B 25 -10.00 -5.60 -10.47
N LEU B 26 -9.96 -4.40 -9.90
CA LEU B 26 -8.88 -4.04 -8.99
C LEU B 26 -9.19 -4.68 -7.65
N LEU B 27 -8.23 -5.42 -7.09
CA LEU B 27 -8.44 -6.03 -5.78
C LEU B 27 -7.79 -5.27 -4.66
N CYS B 28 -6.52 -4.91 -4.84
CA CYS B 28 -5.78 -4.23 -3.78
C CYS B 28 -4.50 -3.61 -4.29
N GLY B 29 -3.83 -2.89 -3.39
CA GLY B 29 -2.55 -2.30 -3.69
C GLY B 29 -1.54 -3.29 -3.15
N ALA B 30 -0.26 -3.05 -3.44
CA ALA B 30 0.80 -3.92 -2.98
C ALA B 30 2.07 -3.11 -3.20
N SER B 31 3.22 -3.64 -2.79
CA SER B 31 4.50 -2.95 -2.97
C SER B 31 5.59 -3.88 -3.48
N LEU B 32 6.49 -3.34 -4.28
CA LEU B 32 7.58 -4.12 -4.86
C LEU B 32 8.79 -4.00 -3.95
N ILE B 33 9.28 -5.10 -3.37
CA ILE B 33 10.44 -5.05 -2.49
C ILE B 33 11.73 -5.62 -3.10
N SER B 34 11.63 -6.22 -4.28
CA SER B 34 12.81 -6.72 -5.00
C SER B 34 12.35 -7.09 -6.39
N ASP B 35 13.25 -7.62 -7.22
CA ASP B 35 12.86 -7.94 -8.58
C ASP B 35 11.90 -9.10 -8.67
N ARG B 36 11.84 -9.92 -7.62
CA ARG B 36 10.92 -11.05 -7.67
C ARG B 36 9.91 -11.18 -6.52
N TRP B 37 9.85 -10.18 -5.63
CA TRP B 37 8.92 -10.23 -4.49
C TRP B 37 8.03 -9.00 -4.30
N VAL B 38 6.75 -9.28 -4.04
CA VAL B 38 5.71 -8.27 -3.81
C VAL B 38 5.11 -8.48 -2.41
N LEU B 39 4.92 -7.37 -1.70
CA LEU B 39 4.38 -7.39 -0.33
C LEU B 39 2.96 -6.82 -0.32
N THR B 40 2.04 -7.47 0.37
CA THR B 40 0.67 -6.99 0.43
C THR B 40 0.01 -7.44 1.73
N ALA B 41 -1.26 -7.12 1.91
CA ALA B 41 -1.98 -7.54 3.12
C ALA B 41 -2.57 -8.94 2.91
N ALA B 42 -2.58 -9.77 3.94
CA ALA B 42 -3.13 -11.11 3.78
C ALA B 42 -4.64 -11.05 3.50
N HIS B 43 -5.33 -10.03 4.02
CA HIS B 43 -6.77 -9.97 3.79
C HIS B 43 -7.14 -9.76 2.32
N CYS B 44 -6.16 -9.34 1.51
CA CYS B 44 -6.40 -9.15 0.08
C CYS B 44 -6.56 -10.50 -0.61
N LEU B 45 -5.97 -11.53 -0.01
CA LEU B 45 -6.01 -12.86 -0.60
C LEU B 45 -6.90 -13.86 0.14
N LEU B 46 -6.97 -13.72 1.46
CA LEU B 46 -7.71 -14.65 2.27
C LEU B 46 -8.52 -14.00 3.36
N TYR B 47 -9.84 -14.20 3.27
CA TYR B 47 -10.79 -13.70 4.26
C TYR B 47 -12.03 -14.60 4.25
N PRO B 48 -11.93 -15.77 4.91
CA PRO B 48 -13.05 -16.72 4.96
C PRO B 48 -14.45 -16.20 5.23
N PRO B 49 -14.62 -15.26 6.17
CA PRO B 49 -15.97 -14.77 6.42
C PRO B 49 -16.75 -14.34 5.19
N TRP B 50 -16.06 -13.91 4.15
CA TRP B 50 -16.71 -13.48 2.91
C TRP B 50 -16.33 -14.43 1.79
N ASP B 51 -15.93 -15.64 2.15
CA ASP B 51 -15.52 -16.63 1.18
C ASP B 51 -14.47 -16.14 0.19
N LYS B 52 -13.56 -15.29 0.65
CA LYS B 52 -12.51 -14.81 -0.23
C LYS B 52 -11.31 -15.70 0.03
N ASN B 53 -10.82 -16.35 -1.02
CA ASN B 53 -9.64 -17.21 -0.93
C ASN B 53 -9.07 -17.34 -2.34
N PHE B 54 -8.16 -16.44 -2.70
CA PHE B 54 -7.56 -16.44 -4.04
C PHE B 54 -6.27 -17.26 -4.11
N THR B 55 -6.02 -17.87 -5.27
CA THR B 55 -4.81 -18.66 -5.48
C THR B 55 -3.95 -17.91 -6.50
N GLU B 56 -2.73 -18.37 -6.73
CA GLU B 56 -1.88 -17.69 -7.68
C GLU B 56 -2.50 -17.57 -9.06
N ASN B 57 -3.22 -18.59 -9.50
CA ASN B 57 -3.85 -18.57 -10.82
C ASN B 57 -4.98 -17.56 -10.98
N ASP B 58 -5.49 -17.02 -9.87
CA ASP B 58 -6.60 -16.07 -9.92
C ASP B 58 -6.24 -14.60 -10.19
N LEU B 59 -4.96 -14.25 -10.08
CA LEU B 59 -4.62 -12.84 -10.26
C LEU B 59 -3.35 -12.50 -11.03
N LEU B 60 -3.26 -11.21 -11.36
CA LEU B 60 -2.12 -10.67 -12.07
C LEU B 60 -1.59 -9.48 -11.27
N VAL B 61 -0.29 -9.23 -11.38
CA VAL B 61 0.32 -8.10 -10.71
C VAL B 61 0.70 -7.08 -11.80
N ARG B 62 0.27 -5.83 -11.61
CA ARG B 62 0.56 -4.78 -12.56
C ARG B 62 1.48 -3.75 -11.90
N ILE B 63 2.68 -3.62 -12.48
CA ILE B 63 3.73 -2.74 -11.97
C ILE B 63 4.09 -1.56 -12.89
N GLY B 64 4.33 -0.40 -12.29
CA GLY B 64 4.70 0.78 -13.05
C GLY B 64 3.57 1.66 -13.54
N LYS B 65 2.37 1.47 -13.02
CA LYS B 65 1.18 2.22 -13.43
C LYS B 65 0.92 3.53 -12.74
N HIS B 66 0.18 4.37 -13.45
CA HIS B 66 -0.21 5.68 -12.96
C HIS B 66 -1.73 5.75 -13.11
N SER B 67 -2.20 5.45 -14.32
CA SER B 67 -3.64 5.47 -14.60
C SER B 67 -4.26 4.20 -14.01
N ARG B 68 -5.47 4.31 -13.48
CA ARG B 68 -6.12 3.14 -12.88
C ARG B 68 -6.73 2.17 -13.89
N THR B 69 -7.42 2.70 -14.89
CA THR B 69 -8.11 1.87 -15.87
C THR B 69 -7.38 1.53 -17.16
N ARG B 70 -6.56 2.46 -17.67
CA ARG B 70 -5.84 2.25 -18.94
C ARG B 70 -4.73 1.21 -18.89
N TYR B 71 -4.40 0.68 -20.06
CA TYR B 71 -3.30 -0.26 -20.19
C TYR B 71 -2.18 0.65 -20.68
N GLU B 72 -1.31 1.05 -19.76
CA GLU B 72 -0.22 1.96 -20.08
C GLU B 72 0.87 1.27 -20.88
N ARG B 73 0.62 1.16 -22.19
CA ARG B 73 1.54 0.51 -23.12
C ARG B 73 2.93 1.11 -23.06
N ASN B 74 3.94 0.24 -23.07
CA ASN B 74 5.33 0.66 -23.01
C ASN B 74 5.79 1.16 -21.62
N ILE B 75 4.87 1.22 -20.66
CA ILE B 75 5.25 1.71 -19.32
C ILE B 75 5.01 0.66 -18.25
N GLU B 76 3.75 0.28 -18.07
CA GLU B 76 3.45 -0.71 -17.05
C GLU B 76 3.91 -2.08 -17.47
N LYS B 77 4.15 -2.93 -16.48
CA LYS B 77 4.58 -4.30 -16.72
C LYS B 77 3.62 -5.24 -15.98
N ILE B 78 3.36 -6.41 -16.56
CA ILE B 78 2.46 -7.35 -15.91
C ILE B 78 3.19 -8.64 -15.55
N SER B 79 2.90 -9.17 -14.37
CA SER B 79 3.54 -10.40 -13.92
C SER B 79 2.52 -11.39 -13.36
N MET B 80 2.86 -12.67 -13.46
CA MET B 80 1.99 -13.71 -12.95
C MET B 80 2.65 -14.19 -11.68
N LEU B 81 1.86 -14.80 -10.82
CA LEU B 81 2.38 -15.27 -9.55
C LEU B 81 2.85 -16.70 -9.62
N GLU B 82 4.00 -16.94 -8.99
CA GLU B 82 4.53 -18.28 -8.94
C GLU B 82 3.99 -18.89 -7.66
N LYS B 83 4.00 -18.09 -6.59
CA LYS B 83 3.51 -18.58 -5.30
C LYS B 83 3.14 -17.48 -4.32
N ILE B 84 2.15 -17.80 -3.47
CA ILE B 84 1.65 -16.89 -2.44
C ILE B 84 1.99 -17.44 -1.05
N TYR B 85 2.37 -16.56 -0.13
CA TYR B 85 2.69 -16.98 1.24
C TYR B 85 1.97 -16.06 2.21
N ILE B 86 1.09 -16.64 3.01
CA ILE B 86 0.36 -15.85 3.99
C ILE B 86 0.94 -16.16 5.36
N HIS B 87 0.99 -15.17 6.23
CA HIS B 87 1.55 -15.41 7.55
C HIS B 87 0.75 -16.52 8.23
N PRO B 88 1.43 -17.56 8.72
CA PRO B 88 0.77 -18.69 9.38
C PRO B 88 -0.07 -18.29 10.57
N ARG B 89 0.19 -17.12 11.15
CA ARG B 89 -0.59 -16.72 12.33
C ARG B 89 -1.47 -15.52 12.07
N TYR B 90 -1.80 -15.32 10.78
CA TYR B 90 -2.70 -14.25 10.37
C TYR B 90 -4.04 -14.55 11.05
N ASN B 91 -4.52 -13.61 11.85
CA ASN B 91 -5.75 -13.79 12.61
C ASN B 91 -6.98 -13.18 11.94
N TRP B 92 -7.49 -13.83 10.90
CA TRP B 92 -8.67 -13.32 10.23
C TRP B 92 -9.91 -13.53 11.09
N ARG B 93 -9.82 -14.46 12.03
CA ARG B 93 -10.97 -14.72 12.90
C ARG B 93 -11.39 -13.57 13.80
N GLU B 94 -10.46 -12.78 14.31
CA GLU B 94 -10.88 -11.70 15.19
C GLU B 94 -10.47 -10.26 14.93
N ASN B 95 -9.17 -9.98 14.78
CA ASN B 95 -8.71 -8.60 14.58
C ASN B 95 -7.70 -8.31 13.48
N LEU B 96 -7.49 -9.24 12.56
CA LEU B 96 -6.56 -9.02 11.46
C LEU B 96 -5.10 -8.84 11.90
N ASP B 97 -4.77 -9.39 13.05
CA ASP B 97 -3.41 -9.33 13.57
C ASP B 97 -2.53 -10.08 12.56
N ARG B 98 -1.36 -9.54 12.26
CA ARG B 98 -0.41 -10.14 11.31
C ARG B 98 -0.99 -10.21 9.89
N ASP B 99 -1.53 -9.08 9.45
CA ASP B 99 -2.18 -8.96 8.15
C ASP B 99 -1.06 -8.70 7.14
N ILE B 100 -0.39 -9.78 6.72
CA ILE B 100 0.71 -9.64 5.79
C ILE B 100 0.86 -10.89 4.91
N ALA B 101 1.34 -10.69 3.69
CA ALA B 101 1.54 -11.79 2.74
C ALA B 101 2.58 -11.43 1.71
N LEU B 102 3.36 -12.42 1.29
CA LEU B 102 4.38 -12.22 0.26
C LEU B 102 3.95 -12.98 -0.99
N MET B 103 4.30 -12.43 -2.14
CA MET B 103 3.96 -13.01 -3.44
C MET B 103 5.22 -13.10 -4.28
N LYS B 104 5.56 -14.31 -4.73
CA LYS B 104 6.74 -14.49 -5.53
C LYS B 104 6.31 -14.41 -6.99
N LEU B 105 7.04 -13.60 -7.77
CA LEU B 105 6.72 -13.42 -9.19
C LEU B 105 7.31 -14.56 -10.00
N LYS B 106 6.67 -14.93 -11.10
CA LYS B 106 7.17 -16.01 -11.92
C LYS B 106 8.53 -15.68 -12.51
N LYS B 107 8.69 -14.48 -13.04
CA LYS B 107 9.98 -14.04 -13.60
C LYS B 107 10.35 -12.68 -12.99
N PRO B 108 11.66 -12.40 -12.87
CA PRO B 108 12.05 -11.11 -12.28
C PRO B 108 11.57 -9.96 -13.16
N VAL B 109 11.18 -8.85 -12.56
CA VAL B 109 10.71 -7.70 -13.34
C VAL B 109 11.93 -6.83 -13.58
N ALA B 110 11.94 -6.09 -14.70
CA ALA B 110 13.07 -5.22 -14.99
C ALA B 110 12.75 -3.83 -14.49
N PHE B 111 13.69 -3.21 -13.78
CA PHE B 111 13.48 -1.88 -13.24
C PHE B 111 13.53 -0.82 -14.32
N SER B 112 13.00 0.36 -14.01
CA SER B 112 12.97 1.45 -14.97
C SER B 112 12.65 2.73 -14.22
N ASP B 113 12.40 3.81 -14.95
CA ASP B 113 12.08 5.09 -14.34
C ASP B 113 10.81 5.00 -13.48
N TYR B 114 9.93 4.07 -13.83
CA TYR B 114 8.64 3.93 -13.15
C TYR B 114 8.48 2.69 -12.25
N ILE B 115 9.48 1.82 -12.25
CA ILE B 115 9.46 0.58 -11.48
C ILE B 115 10.75 0.47 -10.67
N HIS B 116 10.64 0.50 -9.34
CA HIS B 116 11.83 0.45 -8.51
C HIS B 116 11.38 0.03 -7.10
N PRO B 117 12.13 -0.86 -6.44
CA PRO B 117 11.74 -1.30 -5.10
C PRO B 117 11.93 -0.35 -3.93
N VAL B 118 11.09 -0.54 -2.92
CA VAL B 118 11.16 0.25 -1.69
C VAL B 118 12.02 -0.55 -0.69
N CYS B 119 12.64 0.13 0.27
CA CYS B 119 13.45 -0.57 1.27
C CYS B 119 12.61 -1.06 2.44
N LEU B 120 13.08 -2.10 3.12
CA LEU B 120 12.40 -2.60 4.31
C LEU B 120 13.24 -2.07 5.46
N PRO B 121 12.58 -1.60 6.53
CA PRO B 121 13.30 -1.06 7.68
C PRO B 121 14.16 -2.01 8.51
N ASP B 122 15.24 -1.43 9.02
CA ASP B 122 16.17 -2.14 9.89
C ASP B 122 15.67 -1.71 11.27
N ARG B 123 16.12 -2.38 12.31
CA ARG B 123 15.71 -2.07 13.67
C ARG B 123 15.87 -0.58 14.06
N GLU B 124 16.98 0.04 13.69
CA GLU B 124 17.20 1.44 14.06
C GLU B 124 16.37 2.44 13.28
N THR B 125 16.17 2.19 11.99
CA THR B 125 15.37 3.10 11.20
C THR B 125 13.95 3.09 11.79
N ALA B 126 13.40 1.90 12.07
CA ALA B 126 12.07 1.81 12.63
C ALA B 126 12.02 2.60 13.94
N ALA B 127 13.06 2.44 14.76
CA ALA B 127 13.12 3.12 16.05
C ALA B 127 13.09 4.63 15.93
N SER B 128 13.86 5.18 15.00
CA SER B 128 13.89 6.63 14.85
C SER B 128 12.64 7.26 14.25
N LEU B 129 12.08 6.62 13.24
CA LEU B 129 10.93 7.15 12.53
C LEU B 129 9.51 6.81 12.99
N LEU B 130 9.33 5.69 13.67
CA LEU B 130 8.00 5.33 14.11
C LEU B 130 7.66 6.01 15.42
N GLN B 131 7.34 7.29 15.35
CA GLN B 131 7.02 8.05 16.54
C GLN B 131 5.78 8.88 16.28
N ALA B 132 4.98 9.07 17.31
CA ALA B 132 3.76 9.85 17.19
C ALA B 132 4.08 11.23 16.63
N GLY B 133 3.28 11.70 15.68
CA GLY B 133 3.54 13.00 15.09
C GLY B 133 4.32 12.95 13.79
N TYR B 134 5.16 11.94 13.60
CA TYR B 134 5.93 11.82 12.36
C TYR B 134 4.99 11.39 11.23
N LYS B 135 5.10 12.04 10.07
CA LYS B 135 4.23 11.70 8.95
C LYS B 135 4.79 10.68 8.01
N GLY B 136 3.89 9.86 7.48
CA GLY B 136 4.27 8.85 6.52
C GLY B 136 3.39 9.16 5.33
N ARG B 137 3.53 8.38 4.25
CA ARG B 137 2.75 8.62 3.03
C ARG B 137 2.04 7.34 2.57
N VAL B 138 0.76 7.48 2.21
CA VAL B 138 -0.03 6.34 1.74
C VAL B 138 -0.52 6.64 0.33
N THR B 139 -0.48 5.63 -0.55
CA THR B 139 -0.87 5.76 -1.95
C THR B 139 -1.81 4.65 -2.39
N GLY B 140 -2.66 4.91 -3.37
CA GLY B 140 -3.56 3.87 -3.87
C GLY B 140 -4.59 4.34 -4.89
N TRP B 141 -5.25 3.41 -5.57
CA TRP B 141 -6.30 3.71 -6.54
C TRP B 141 -7.68 3.49 -5.92
N GLY B 142 -7.73 3.40 -4.59
CA GLY B 142 -8.98 3.18 -3.91
C GLY B 142 -9.99 4.31 -3.98
N ASN B 143 -11.18 4.04 -3.45
CA ASN B 143 -12.26 5.01 -3.43
C ASN B 143 -11.88 6.36 -2.83
N LEU B 144 -12.47 7.41 -3.40
CA LEU B 144 -12.24 8.79 -2.99
C LEU B 144 -13.12 9.19 -1.82
N LYS B 145 -14.23 8.47 -1.65
CA LYS B 145 -15.18 8.74 -0.57
C LYS B 145 -15.69 7.45 0.05
N GLU B 146 -16.18 7.53 1.28
CA GLU B 146 -16.71 6.35 1.93
C GLU B 146 -17.94 5.89 1.15
N THR B 147 -18.80 6.85 0.80
CA THR B 147 -19.99 6.55 0.01
C THR B 147 -20.38 7.71 -0.88
N TRP B 148 -20.91 7.38 -2.04
CA TRP B 148 -21.34 8.39 -3.01
C TRP B 148 -22.45 7.76 -3.84
N THR B 149 -23.46 8.56 -4.18
CA THR B 149 -24.59 8.09 -4.98
C THR B 149 -24.14 7.42 -6.28
N ALA B 150 -24.85 6.35 -6.66
CA ALA B 150 -24.52 5.63 -7.89
C ALA B 150 -24.95 6.49 -9.08
N ASN B 151 -24.46 6.12 -10.27
CA ASN B 151 -24.78 6.83 -11.51
C ASN B 151 -24.43 8.33 -11.48
N VAL B 152 -24.19 8.87 -10.29
CA VAL B 152 -23.84 10.27 -10.13
C VAL B 152 -22.33 10.41 -9.95
N GLY B 153 -21.59 10.14 -11.01
CA GLY B 153 -20.15 10.24 -10.94
C GLY B 153 -19.50 8.93 -10.53
N LYS B 154 -18.26 9.01 -10.06
CA LYS B 154 -17.52 7.83 -9.63
C LYS B 154 -16.59 8.15 -8.46
N GLY B 155 -16.71 7.37 -7.39
CA GLY B 155 -15.88 7.58 -6.22
C GLY B 155 -14.52 6.93 -6.44
N GLN B 156 -14.19 6.72 -7.70
CA GLN B 156 -12.92 6.12 -8.06
C GLN B 156 -12.08 7.16 -8.83
N PRO B 157 -10.78 7.25 -8.52
CA PRO B 157 -9.88 8.21 -9.18
C PRO B 157 -9.41 7.68 -10.52
N SER B 158 -8.97 8.55 -11.41
CA SER B 158 -8.48 8.09 -12.71
C SER B 158 -6.97 7.96 -12.64
N VAL B 159 -6.38 8.49 -11.58
CA VAL B 159 -4.93 8.42 -11.43
C VAL B 159 -4.56 8.11 -9.97
N LEU B 160 -3.38 7.50 -9.76
CA LEU B 160 -2.92 7.16 -8.40
C LEU B 160 -3.05 8.38 -7.51
N GLN B 161 -3.52 8.18 -6.28
CA GLN B 161 -3.69 9.26 -5.31
C GLN B 161 -2.66 9.13 -4.21
N VAL B 162 -2.39 10.21 -3.51
CA VAL B 162 -1.40 10.19 -2.44
C VAL B 162 -1.86 11.07 -1.29
N VAL B 163 -1.51 10.70 -0.07
CA VAL B 163 -1.87 11.50 1.09
C VAL B 163 -0.82 11.26 2.17
N ASN B 164 -0.44 12.31 2.88
CA ASN B 164 0.55 12.17 3.95
C ASN B 164 -0.18 12.27 5.27
N LEU B 165 0.09 11.34 6.18
CA LEU B 165 -0.62 11.31 7.46
C LEU B 165 0.30 11.10 8.66
N PRO B 166 -0.05 11.70 9.82
CA PRO B 166 0.83 11.50 10.97
C PRO B 166 0.50 10.23 11.73
N ILE B 167 1.54 9.62 12.31
CA ILE B 167 1.39 8.41 13.10
C ILE B 167 0.72 8.89 14.40
N VAL B 168 -0.20 8.11 14.93
CA VAL B 168 -0.93 8.48 16.13
C VAL B 168 -0.51 7.70 17.40
N GLU B 169 -0.54 8.38 18.54
CA GLU B 169 -0.16 7.81 19.83
C GLU B 169 -0.98 6.53 20.05
N ARG B 170 -0.36 5.47 20.56
CA ARG B 170 -1.07 4.21 20.75
C ARG B 170 -2.36 4.27 21.59
N PRO B 171 -2.36 5.01 22.73
CA PRO B 171 -3.61 5.05 23.50
C PRO B 171 -4.76 5.70 22.76
N VAL B 172 -4.45 6.65 21.88
CA VAL B 172 -5.51 7.28 21.11
C VAL B 172 -6.07 6.27 20.08
N CYS B 173 -5.20 5.44 19.51
CA CYS B 173 -5.63 4.43 18.53
C CYS B 173 -6.58 3.45 19.22
N LYS B 174 -6.13 2.96 20.37
CA LYS B 174 -6.88 1.99 21.16
C LYS B 174 -8.25 2.53 21.63
N ASP B 175 -8.29 3.80 22.03
CA ASP B 175 -9.55 4.40 22.50
C ASP B 175 -10.50 4.83 21.40
N SER B 176 -10.12 4.57 20.15
CA SER B 176 -10.97 4.97 19.04
C SER B 176 -11.76 3.81 18.49
N THR B 177 -11.47 2.60 18.95
CA THR B 177 -12.16 1.45 18.40
C THR B 177 -12.47 0.40 19.46
N ARG B 178 -13.41 -0.48 19.11
CA ARG B 178 -13.81 -1.58 19.98
C ARG B 178 -12.95 -2.80 19.69
N ILE B 179 -12.25 -2.79 18.55
CA ILE B 179 -11.41 -3.91 18.18
C ILE B 179 -10.15 -4.01 19.03
N ARG B 180 -9.74 -5.23 19.36
CA ARG B 180 -8.53 -5.38 20.16
C ARG B 180 -7.24 -5.18 19.32
N ILE B 181 -6.47 -4.14 19.63
CA ILE B 181 -5.24 -3.80 18.93
C ILE B 181 -4.01 -4.56 19.45
N THR B 182 -3.08 -4.91 18.56
CA THR B 182 -1.88 -5.61 18.99
C THR B 182 -0.63 -4.80 18.68
N ASP B 183 0.52 -5.30 19.11
CA ASP B 183 1.78 -4.63 18.87
C ASP B 183 2.14 -4.72 17.37
N ASN B 184 1.45 -5.56 16.62
CA ASN B 184 1.74 -5.72 15.17
C ASN B 184 0.99 -4.75 14.27
N MET B 185 0.40 -3.73 14.87
CA MET B 185 -0.31 -2.71 14.10
C MET B 185 -0.07 -1.36 14.75
N PHE B 186 -0.23 -0.30 13.97
CA PHE B 186 -0.14 1.06 14.47
C PHE B 186 -1.24 1.83 13.71
N CYS B 187 -1.68 2.97 14.22
CA CYS B 187 -2.71 3.69 13.46
C CYS B 187 -2.19 5.06 13.05
N ALA B 188 -2.85 5.68 12.07
CA ALA B 188 -2.44 6.97 11.55
C ALA B 188 -3.59 7.81 11.01
N GLY B 189 -3.39 9.13 11.04
CA GLY B 189 -4.40 10.06 10.57
C GLY B 189 -4.48 11.28 11.48
N TYR B 190 -5.20 12.30 11.03
CA TYR B 190 -5.34 13.50 11.83
C TYR B 190 -6.45 13.34 12.86
N LYS B 191 -6.34 14.08 13.95
CA LYS B 191 -7.36 14.06 15.01
C LYS B 191 -8.42 15.07 14.60
N PRO B 192 -9.65 14.93 15.11
CA PRO B 192 -10.75 15.84 14.77
C PRO B 192 -10.39 17.32 14.83
N ASP B 193 -9.55 17.73 15.78
CA ASP B 193 -9.22 19.15 15.89
C ASP B 193 -7.92 19.63 15.26
N GLU B 194 -7.28 18.81 14.42
CA GLU B 194 -6.03 19.24 13.79
C GLU B 194 -6.30 19.96 12.49
N GLY B 195 -7.56 20.06 12.12
CA GLY B 195 -7.90 20.77 10.89
C GLY B 195 -7.84 19.93 9.62
N LYS B 196 -6.64 19.49 9.25
CA LYS B 196 -6.48 18.70 8.02
C LYS B 196 -7.04 17.29 8.18
N ARG B 197 -7.26 16.61 7.07
CA ARG B 197 -7.77 15.25 7.11
C ARG B 197 -7.21 14.31 6.02
N GLY B 198 -7.87 13.17 5.80
CA GLY B 198 -7.39 12.23 4.79
C GLY B 198 -7.28 10.82 5.36
N ASP B 199 -7.42 9.81 4.50
CA ASP B 199 -7.39 8.44 4.96
C ASP B 199 -7.31 7.54 3.72
N ALA B 200 -7.02 6.27 3.94
CA ALA B 200 -7.03 5.31 2.84
C ALA B 200 -8.49 4.84 2.83
N CYS B 201 -8.90 4.10 1.81
CA CYS B 201 -10.28 3.62 1.75
C CYS B 201 -10.33 2.30 0.99
N GLU B 202 -11.53 1.81 0.74
CA GLU B 202 -11.73 0.55 0.03
C GLU B 202 -10.94 0.59 -1.26
N GLY B 203 -10.23 -0.48 -1.57
CA GLY B 203 -9.43 -0.54 -2.78
C GLY B 203 -7.96 -0.20 -2.51
N ASP B 204 -7.68 0.53 -1.44
CA ASP B 204 -6.32 0.90 -1.06
C ASP B 204 -5.61 -0.19 -0.24
N SER B 205 -6.39 -1.15 0.27
CA SER B 205 -5.87 -2.27 1.08
C SER B 205 -4.65 -2.92 0.50
N GLY B 206 -3.71 -3.26 1.37
CA GLY B 206 -2.50 -3.94 0.92
C GLY B 206 -1.42 -3.00 0.43
N GLY B 207 -1.77 -1.74 0.22
CA GLY B 207 -0.81 -0.74 -0.23
C GLY B 207 0.21 -0.31 0.81
N PRO B 208 1.28 0.39 0.42
CA PRO B 208 2.34 0.82 1.33
C PRO B 208 2.20 2.11 2.09
N PHE B 209 2.65 2.11 3.34
CA PHE B 209 2.68 3.33 4.14
C PHE B 209 4.21 3.54 4.20
N VAL B 210 4.72 4.59 3.59
CA VAL B 210 6.17 4.75 3.58
C VAL B 210 6.65 6.02 4.24
N MET B 211 7.93 6.07 4.53
CA MET B 211 8.52 7.26 5.15
C MET B 211 9.91 7.45 4.55
N LYS B 212 10.37 8.69 4.44
CA LYS B 212 11.70 8.94 3.88
C LYS B 212 12.67 9.18 5.02
N SER B 213 13.76 8.42 5.04
CA SER B 213 14.76 8.60 6.10
C SER B 213 15.52 9.90 5.93
N PRO B 214 15.61 10.71 6.99
CA PRO B 214 16.37 11.96 6.79
C PRO B 214 17.88 11.67 6.93
N PHE B 215 18.20 10.45 7.36
CA PHE B 215 19.60 10.07 7.53
C PHE B 215 20.25 9.67 6.21
N ASN B 216 19.55 8.87 5.39
CA ASN B 216 20.15 8.43 4.13
C ASN B 216 19.33 8.69 2.89
N ASN B 217 18.28 9.49 3.04
CA ASN B 217 17.40 9.85 1.95
C ASN B 217 16.67 8.73 1.22
N ARG B 218 16.55 7.57 1.84
CA ARG B 218 15.88 6.46 1.21
C ARG B 218 14.44 6.30 1.70
N TRP B 219 13.57 5.75 0.85
CA TRP B 219 12.19 5.52 1.26
C TRP B 219 12.07 4.11 1.86
N TYR B 220 11.40 4.01 3.01
CA TYR B 220 11.23 2.74 3.69
C TYR B 220 9.74 2.45 3.86
N GLN B 221 9.33 1.21 3.65
CA GLN B 221 7.93 0.86 3.86
C GLN B 221 7.79 0.47 5.34
N MET B 222 7.06 1.27 6.10
CA MET B 222 6.88 0.99 7.53
C MET B 222 5.56 0.25 7.81
N GLY B 223 4.58 0.38 6.91
CA GLY B 223 3.30 -0.29 7.16
C GLY B 223 2.58 -0.74 5.90
N ILE B 224 1.49 -1.48 6.09
CA ILE B 224 0.65 -1.96 4.97
C ILE B 224 -0.78 -1.55 5.33
N VAL B 225 -1.52 -0.95 4.41
CA VAL B 225 -2.90 -0.57 4.69
C VAL B 225 -3.66 -1.84 5.09
N SER B 226 -4.17 -1.86 6.33
CA SER B 226 -4.87 -3.04 6.84
C SER B 226 -6.37 -2.84 6.98
N TRP B 227 -6.81 -2.04 7.96
CA TRP B 227 -8.23 -1.81 8.15
C TRP B 227 -8.56 -0.44 8.75
N GLY B 228 -9.84 -0.07 8.70
CA GLY B 228 -10.29 1.19 9.28
C GLY B 228 -11.81 1.19 9.35
N GLU B 229 -12.40 1.99 10.25
CA GLU B 229 -13.86 2.04 10.39
C GLU B 229 -14.45 3.18 9.56
N GLY B 230 -14.95 2.83 8.38
CA GLY B 230 -15.46 3.84 7.46
C GLY B 230 -14.21 4.41 6.81
N CYS B 231 -14.30 5.60 6.24
CA CYS B 231 -13.15 6.25 5.62
C CYS B 231 -13.16 7.71 5.97
N ASP B 232 -12.05 8.21 6.51
CA ASP B 232 -11.92 9.60 6.90
C ASP B 232 -13.03 10.13 7.84
N ARG B 233 -13.45 9.30 8.79
CA ARG B 233 -14.47 9.74 9.74
C ARG B 233 -13.74 10.40 10.90
N ASP B 234 -14.33 11.45 11.48
CA ASP B 234 -13.71 12.13 12.61
C ASP B 234 -13.65 11.15 13.75
N GLY B 235 -12.61 11.24 14.58
CA GLY B 235 -12.50 10.32 15.70
C GLY B 235 -12.01 8.91 15.34
N LYS B 236 -11.93 8.58 14.04
CA LYS B 236 -11.46 7.26 13.60
C LYS B 236 -10.10 7.37 12.90
N TYR B 237 -9.34 6.27 12.91
CA TYR B 237 -8.02 6.26 12.29
C TYR B 237 -7.80 5.01 11.44
N GLY B 238 -6.89 5.12 10.49
CA GLY B 238 -6.60 3.97 9.67
C GLY B 238 -5.57 3.14 10.41
N PHE B 239 -5.67 1.81 10.32
CA PHE B 239 -4.71 0.92 10.96
C PHE B 239 -3.82 0.25 9.90
N TYR B 240 -2.57 0.03 10.29
CA TYR B 240 -1.58 -0.53 9.38
C TYR B 240 -0.80 -1.65 10.02
N THR B 241 -0.40 -2.63 9.21
CA THR B 241 0.41 -3.73 9.69
C THR B 241 1.82 -3.18 9.94
N HIS B 242 2.40 -3.51 11.10
CA HIS B 242 3.74 -3.02 11.49
C HIS B 242 4.76 -3.90 10.81
N VAL B 243 5.31 -3.43 9.70
CA VAL B 243 6.23 -4.24 8.91
C VAL B 243 7.48 -4.70 9.61
N PHE B 244 8.14 -3.79 10.32
CA PHE B 244 9.34 -4.20 11.01
C PHE B 244 9.11 -5.33 12.00
N ARG B 245 7.96 -5.34 12.69
CA ARG B 245 7.74 -6.41 13.66
C ARG B 245 7.58 -7.78 13.02
N LEU B 246 7.27 -7.82 11.72
CA LEU B 246 7.09 -9.08 11.02
C LEU B 246 8.23 -9.35 10.04
N LYS B 247 9.32 -8.61 10.16
CA LYS B 247 10.45 -8.74 9.23
C LYS B 247 11.16 -10.06 9.27
N LYS B 248 11.27 -10.67 10.46
CA LYS B 248 11.95 -11.96 10.58
C LYS B 248 11.20 -12.98 9.75
N TRP B 249 9.87 -12.90 9.77
CA TRP B 249 9.08 -13.84 8.98
C TRP B 249 9.36 -13.58 7.50
N ILE B 250 9.33 -12.31 7.11
CA ILE B 250 9.59 -11.93 5.72
C ILE B 250 10.93 -12.50 5.25
N GLN B 251 11.98 -12.23 6.01
CA GLN B 251 13.34 -12.70 5.68
C GLN B 251 13.40 -14.23 5.66
N LYS B 252 12.64 -14.86 6.54
CA LYS B 252 12.59 -16.31 6.62
C LYS B 252 12.07 -16.91 5.31
N VAL B 253 10.90 -16.47 4.83
CA VAL B 253 10.37 -17.08 3.61
C VAL B 253 11.17 -16.72 2.36
N ILE B 254 11.96 -15.66 2.43
CA ILE B 254 12.75 -15.27 1.28
C ILE B 254 14.02 -16.13 1.15
N ASP B 255 14.61 -16.53 2.28
CA ASP B 255 15.81 -17.35 2.29
C ASP B 255 16.78 -16.92 1.18
N GLN B 256 16.74 -15.64 0.85
CA GLN B 256 17.58 -15.06 -0.20
C GLN B 256 19.05 -15.50 -0.16
N PHE B 257 19.45 -16.16 0.92
CA PHE B 257 20.83 -16.62 1.07
C PHE B 257 20.91 -18.08 1.51
C 00I C 1 -12.31 -2.38 6.36
N 00I C 1 -13.90 -1.69 8.08
O 00I C 1 -11.43 -2.20 7.18
S 00I C 1 -14.84 -2.65 9.26
C1 00I C 1 -12.82 -4.00 10.63
N1 00I C 1 -12.07 -2.83 5.13
O1 00I C 1 -11.24 -4.65 2.90
C2 00I C 1 -13.95 -4.10 9.82
N2 00I C 1 -10.67 -5.61 4.88
C3 00I C 1 -14.40 -5.36 9.44
C4 00I C 1 -13.77 -6.52 9.84
C5 00I C 1 -12.00 -7.61 11.09
C6 00I C 1 -10.88 -7.50 11.90
C7 00I C 1 -10.41 -6.26 12.29
C8 00I C 1 -11.03 -5.08 11.88
C9 00I C 1 -12.16 -5.16 11.06
CA 00I C 1 -13.76 -2.10 6.69
CB 00I C 1 -14.33 -1.04 5.77
CD 00I C 1 -16.40 0.04 4.85
CF 00I C 1 -9.54 3.07 6.17
CG 00I C 1 -15.85 -0.98 5.82
CZ 00I C 1 -9.71 1.78 5.51
C10 00I C 1 -12.65 -6.44 10.65
O1S 00I C 1 -16.01 -3.10 8.52
C21 00I C 1 -10.91 -4.54 4.09
C22 00I C 1 -11.19 -6.89 4.36
O2S 00I C 1 -15.23 -1.85 10.42
C32 00I C 1 -12.40 -7.39 5.15
C42 00I C 1 -12.08 -7.43 6.67
C52 00I C 1 -11.53 -6.09 7.16
C62 00I C 1 -10.32 -5.68 6.32
CA1 00I C 1 -10.74 -3.18 4.71
CB1 00I C 1 -10.19 -2.16 3.72
CD1 00I C 1 -11.08 0.13 4.35
CD2 00I C 1 -8.79 -0.36 4.83
CE1 00I C 1 -10.92 1.40 4.97
OE1 00I C 1 -16.37 1.24 5.21
CE2 00I C 1 -8.64 0.90 5.44
CG1 00I C 1 -10.02 -0.76 4.29
NG1 00I C 1 -10.56 3.88 6.37
NG2 00I C 1 -8.31 3.42 6.56
N ABU C 2 -16.84 -0.45 3.68
CD ABU C 2 -17.43 0.40 2.61
CB ABU C 2 -18.84 0.85 2.92
CG ABU C 2 -19.54 1.54 1.76
C ABU C 2 -19.97 0.51 0.70
O ABU C 2 -20.62 -0.49 1.03
N GLY C 3 -19.64 0.70 -0.58
CA GLY C 3 -20.04 -0.28 -1.64
C GLY C 3 -19.38 -0.01 -2.98
N GLY C 4 -18.19 -0.59 -3.15
CA GLY C 4 -17.47 -0.42 -4.40
C GLY C 4 -16.50 -1.57 -4.63
N GLY C 5 -16.49 -2.10 -5.85
CA GLY C 5 -15.60 -3.21 -6.16
C GLY C 5 -14.70 -2.94 -7.34
N GLY C 6 -15.03 -1.92 -8.12
CA GLY C 6 -14.22 -1.57 -9.28
C GLY C 6 -14.08 -2.76 -10.22
N ASN C 7 -15.09 -2.98 -11.05
CA ASN C 7 -15.07 -4.10 -11.99
C ASN C 7 -15.96 -3.81 -13.21
N GLY C 8 -15.38 -3.21 -14.24
CA GLY C 8 -16.16 -2.92 -15.42
C GLY C 8 -15.63 -1.86 -16.37
N ASP C 9 -14.86 -0.90 -15.87
CA ASP C 9 -14.35 0.15 -16.74
C ASP C 9 -12.85 0.07 -17.07
N TYR C 10 -12.24 -1.07 -16.78
CA TYR C 10 -10.83 -1.28 -17.07
C TYR C 10 -10.62 -1.70 -18.52
N GLU C 11 -9.54 -1.23 -19.12
CA GLU C 11 -9.27 -1.57 -20.50
C GLU C 11 -8.50 -2.88 -20.61
N PRO C 12 -8.95 -3.77 -21.52
CA PRO C 12 -8.37 -5.09 -21.78
C PRO C 12 -6.85 -5.08 -21.94
N ILE C 13 -6.23 -6.19 -21.57
CA ILE C 13 -4.78 -6.33 -21.66
C ILE C 13 -4.42 -7.34 -22.75
N PRO C 14 -3.67 -6.91 -23.78
CA PRO C 14 -3.30 -7.82 -24.86
C PRO C 14 -2.45 -9.00 -24.39
N GLU C 15 -2.55 -10.12 -25.10
CA GLU C 15 -1.79 -11.32 -24.75
C GLU C 15 -0.30 -11.08 -24.90
N GLU C 16 0.06 -10.17 -25.80
CA GLU C 16 1.46 -9.85 -26.05
C GLU C 16 2.11 -9.20 -24.82
N ALA C 17 1.35 -9.11 -23.74
CA ALA C 17 1.86 -8.49 -22.52
C ALA C 17 2.06 -9.48 -21.39
N ALC C 18 1.56 -10.70 -21.53
CA ALC C 18 1.69 -11.72 -20.48
C ALC C 18 3.10 -12.30 -20.38
O ALC C 18 3.98 -11.97 -21.17
CB ALC C 18 0.68 -12.85 -20.71
CG ALC C 18 -0.77 -12.67 -20.22
CD2 ALC C 18 -1.46 -11.49 -20.97
CE2 ALC C 18 -2.94 -11.36 -20.53
CZ ALC C 18 -3.69 -12.69 -20.71
CE1 ALC C 18 -2.99 -13.83 -19.94
CD1 ALC C 18 -1.55 -13.98 -20.43
N DGL C 19 3.29 -13.18 -19.38
CA DGL C 19 4.58 -13.83 -19.13
C DGL C 19 4.38 -15.12 -18.33
O DGL C 19 4.99 -15.34 -17.27
CB DGL C 19 5.28 -14.18 -20.45
CG DGL C 19 6.71 -14.67 -20.31
CD DGL C 19 7.75 -13.61 -20.64
OE1 DGL C 19 8.96 -13.90 -20.48
OE2 DGL C 19 7.36 -12.51 -21.09
#